data_7EL7
#
_entry.id   7EL7
#
loop_
_entity.id
_entity.type
_entity.pdbx_description
1 polymer 'G-quadruplex DNA MYT1L'
2 non-polymer Pt(diethylenetriamine)(2-(pyridin-4-ylmethyl)benzo[lmn][3,8]phenanthroline-1,3,6,8(2H,7H)-tetraone)
#
_entity_poly.entity_id   1
_entity_poly.type   'polydeoxyribonucleotide'
_entity_poly.pdbx_seq_one_letter_code
;(DA)(DG)(DG)(DG)(DA)(DG)(DA)(DG)(DG)(DA)(DG)(DA)(DG)(DC)(DT)(DC)(DT)(DG)(DG)(DG)
(DT)(DT)(DG)(DG)(DG)(DT)(DG)(DG)(DG)
;
_entity_poly.pdbx_strand_id   A
#